data_2RU7
#
_entry.id   2RU7
#
loop_
_entity.id
_entity.type
_entity.pdbx_description
1 polymer "RNA_(5'-R(*GP*GP*AP*GP*GP*AP*GP*GP*AP*GP*GP*A)-3')"
2 polymer 'P16 peptide from Major prion protein'
#
loop_
_entity_poly.entity_id
_entity_poly.type
_entity_poly.pdbx_seq_one_letter_code
_entity_poly.pdbx_strand_id
1 'polyribonucleotide' GGAGGAGGAGGA A,B
2 'polypeptide(L)' GQWNKPSKPKTN C,D
#
loop_
_chem_comp.id
_chem_comp.type
_chem_comp.name
_chem_comp.formula
A RNA linking ADENOSINE-5'-MONOPHOSPHATE 'C10 H14 N5 O7 P'
G RNA linking GUANOSINE-5'-MONOPHOSPHATE 'C10 H14 N5 O8 P'
#
# COMPACT_ATOMS: atom_id res chain seq x y z
N GLY C 1 13.05 -0.77 6.46
CA GLY C 1 12.43 -2.09 6.29
C GLY C 1 11.09 -1.97 5.58
N GLN C 2 11.12 -1.93 4.24
CA GLN C 2 9.99 -1.57 3.38
C GLN C 2 9.91 -2.45 2.12
N TRP C 3 9.17 -1.96 1.11
CA TRP C 3 9.19 -2.38 -0.30
C TRP C 3 10.61 -2.33 -0.93
N ASN C 4 10.71 -2.44 -2.26
CA ASN C 4 11.96 -2.58 -3.03
C ASN C 4 12.90 -1.34 -3.10
N LYS C 5 13.07 -0.59 -1.99
CA LYS C 5 14.13 0.43 -1.75
C LYS C 5 14.36 1.37 -2.96
N PRO C 6 13.34 2.19 -3.30
CA PRO C 6 13.18 2.94 -4.57
C PRO C 6 13.69 2.40 -5.92
N SER C 7 14.02 1.10 -6.05
CA SER C 7 14.36 0.45 -7.33
C SER C 7 13.09 -0.02 -8.09
N LYS C 8 12.15 0.90 -8.32
CA LYS C 8 10.78 0.66 -8.85
C LYS C 8 10.82 -0.14 -10.18
N PRO C 9 10.39 -1.42 -10.22
CA PRO C 9 10.64 -2.31 -11.37
C PRO C 9 9.98 -1.89 -12.69
N LYS C 10 8.86 -1.16 -12.61
CA LYS C 10 8.10 -0.60 -13.75
C LYS C 10 7.89 0.93 -13.66
N THR C 11 8.70 1.61 -12.82
CA THR C 11 8.62 3.03 -12.42
C THR C 11 7.29 3.55 -11.82
N ASN C 12 6.20 2.74 -11.85
CA ASN C 12 4.80 3.09 -11.52
C ASN C 12 4.28 4.25 -12.41
N GLY D 1 -4.43 4.05 14.00
CA GLY D 1 -4.46 5.23 13.09
C GLY D 1 -4.00 4.88 11.69
N GLN D 2 -4.86 4.22 10.90
CA GLN D 2 -4.55 3.62 9.60
C GLN D 2 -5.42 4.20 8.45
N TRP D 3 -5.76 3.37 7.45
CA TRP D 3 -6.49 3.70 6.21
C TRP D 3 -7.98 4.01 6.46
N ASN D 4 -8.88 3.04 6.26
CA ASN D 4 -10.32 3.17 6.57
C ASN D 4 -10.73 2.44 7.87
N LYS D 5 -9.78 2.26 8.80
CA LYS D 5 -9.98 1.73 10.17
C LYS D 5 -10.88 0.48 10.21
N PRO D 6 -10.62 -0.50 9.32
CA PRO D 6 -11.46 -1.64 8.98
C PRO D 6 -13.00 -1.54 9.08
N SER D 7 -13.56 -0.38 8.70
CA SER D 7 -14.96 -0.22 8.27
C SER D 7 -15.07 -0.44 6.74
N LYS D 8 -14.57 -1.60 6.27
CA LYS D 8 -14.07 -1.84 4.90
C LYS D 8 -15.15 -1.67 3.81
N PRO D 9 -15.04 -0.65 2.92
CA PRO D 9 -16.06 -0.38 1.88
C PRO D 9 -15.74 -1.03 0.52
N LYS D 10 -14.49 -1.45 0.31
CA LYS D 10 -13.93 -2.04 -0.94
C LYS D 10 -13.35 -3.45 -0.76
N THR D 11 -13.83 -4.15 0.28
CA THR D 11 -13.52 -5.51 0.76
C THR D 11 -12.05 -5.85 1.10
N ASN D 12 -11.08 -5.55 0.21
CA ASN D 12 -9.63 -5.77 0.32
C ASN D 12 -9.18 -6.85 1.33
N GLY C 1 14.98 -2.51 4.24
CA GLY C 1 14.40 -3.21 3.08
C GLY C 1 12.90 -3.36 3.25
N GLN C 2 12.10 -2.68 2.40
CA GLN C 2 10.66 -2.50 2.61
C GLN C 2 9.80 -2.90 1.38
N TRP C 3 9.36 -1.95 0.56
CA TRP C 3 8.48 -2.15 -0.61
C TRP C 3 9.24 -2.62 -1.86
N ASN C 4 9.38 -1.76 -2.89
CA ASN C 4 10.25 -2.02 -4.05
C ASN C 4 11.66 -1.37 -3.92
N LYS C 5 12.13 -1.19 -2.67
CA LYS C 5 13.50 -0.75 -2.31
C LYS C 5 13.97 0.47 -3.13
N PRO C 6 13.11 1.50 -3.27
CA PRO C 6 13.21 2.65 -4.16
C PRO C 6 13.96 2.51 -5.50
N SER C 7 13.83 1.34 -6.15
CA SER C 7 14.44 1.02 -7.45
C SER C 7 13.46 1.16 -8.63
N LYS C 8 12.17 1.43 -8.36
CA LYS C 8 11.05 1.56 -9.31
C LYS C 8 11.09 0.52 -10.46
N PRO C 9 11.00 -0.80 -10.18
CA PRO C 9 11.34 -1.86 -11.15
C PRO C 9 10.49 -1.89 -12.43
N LYS C 10 9.28 -1.33 -12.39
CA LYS C 10 8.35 -1.15 -13.53
C LYS C 10 8.06 0.32 -13.87
N THR C 11 8.94 1.23 -13.40
CA THR C 11 8.80 2.71 -13.42
C THR C 11 7.50 3.26 -12.81
N ASN C 12 6.81 2.43 -11.99
CA ASN C 12 5.58 2.67 -11.22
C ASN C 12 4.57 3.63 -11.90
N GLY D 1 -4.80 4.42 13.42
CA GLY D 1 -4.69 5.48 12.40
C GLY D 1 -4.08 4.95 11.11
N GLN D 2 -4.92 4.35 10.25
CA GLN D 2 -4.51 3.64 9.04
C GLN D 2 -5.29 4.11 7.78
N TRP D 3 -5.68 3.20 6.89
CA TRP D 3 -6.32 3.42 5.59
C TRP D 3 -7.80 3.86 5.73
N ASN D 4 -8.76 2.93 5.66
CA ASN D 4 -10.19 3.20 5.89
C ASN D 4 -10.67 2.68 7.27
N LYS D 5 -9.75 2.62 8.26
CA LYS D 5 -10.02 2.32 9.69
C LYS D 5 -10.96 1.11 9.89
N PRO D 6 -10.73 0.03 9.12
CA PRO D 6 -11.63 -1.11 8.91
C PRO D 6 -13.16 -0.92 8.98
N SER D 7 -13.66 0.20 8.46
CA SER D 7 -15.05 0.37 7.98
C SER D 7 -15.14 -0.01 6.50
N LYS D 8 -14.70 -1.23 6.17
CA LYS D 8 -14.17 -1.67 4.86
C LYS D 8 -15.18 -1.52 3.71
N PRO D 9 -15.00 -0.55 2.77
CA PRO D 9 -15.96 -0.28 1.69
C PRO D 9 -15.75 -1.17 0.45
N LYS D 10 -14.49 -1.56 0.18
CA LYS D 10 -14.08 -2.48 -0.91
C LYS D 10 -13.84 -3.93 -0.44
N THR D 11 -14.30 -4.26 0.77
CA THR D 11 -14.33 -5.57 1.46
C THR D 11 -12.98 -6.27 1.74
N ASN D 12 -12.02 -6.27 0.81
CA ASN D 12 -10.65 -6.83 0.88
C ASN D 12 -10.43 -7.91 1.96
N GLY C 1 13.87 -0.59 6.06
CA GLY C 1 13.16 -1.88 6.08
C GLY C 1 11.75 -1.76 5.54
N GLN C 2 11.61 -1.76 4.21
CA GLN C 2 10.38 -1.44 3.49
C GLN C 2 10.22 -2.31 2.21
N TRP C 3 9.39 -1.85 1.28
CA TRP C 3 9.35 -2.24 -0.14
C TRP C 3 10.71 -2.12 -0.86
N ASN C 4 10.73 -2.22 -2.19
CA ASN C 4 11.94 -2.30 -3.04
C ASN C 4 12.81 -1.01 -3.15
N LYS C 5 13.09 -0.31 -2.05
CA LYS C 5 14.18 0.67 -1.84
C LYS C 5 14.36 1.66 -3.03
N PRO C 6 13.32 2.47 -3.33
CA PRO C 6 13.11 3.24 -4.57
C PRO C 6 13.75 2.79 -5.89
N SER C 7 13.91 1.48 -6.11
CA SER C 7 14.45 0.83 -7.31
C SER C 7 13.31 0.28 -8.18
N LYS C 8 12.34 1.15 -8.48
CA LYS C 8 10.99 0.84 -9.01
C LYS C 8 11.05 -0.01 -10.30
N PRO C 9 10.64 -1.30 -10.30
CA PRO C 9 10.81 -2.20 -11.46
C PRO C 9 10.01 -1.82 -12.70
N LYS C 10 8.87 -1.12 -12.52
CA LYS C 10 7.98 -0.63 -13.59
C LYS C 10 7.70 0.89 -13.57
N THR C 11 8.49 1.63 -12.77
CA THR C 11 8.48 3.11 -12.55
C THR C 11 7.17 3.81 -12.14
N ASN C 12 6.01 3.15 -12.23
CA ASN C 12 4.65 3.68 -12.05
C ASN C 12 4.36 4.91 -12.95
N GLY D 1 -4.41 4.97 13.61
CA GLY D 1 -4.27 5.99 12.55
C GLY D 1 -3.76 5.39 11.25
N GLN D 2 -4.66 4.80 10.46
CA GLN D 2 -4.37 4.01 9.26
C GLN D 2 -5.26 4.45 8.07
N TRP D 3 -5.50 3.54 7.12
CA TRP D 3 -6.29 3.68 5.88
C TRP D 3 -7.79 3.99 6.12
N ASN D 4 -8.68 3.00 6.03
CA ASN D 4 -10.13 3.16 6.28
C ASN D 4 -10.60 2.46 7.57
N LYS D 5 -9.70 2.35 8.56
CA LYS D 5 -9.97 1.91 9.96
C LYS D 5 -10.83 0.63 10.03
N PRO D 6 -10.46 -0.40 9.22
CA PRO D 6 -11.22 -1.60 8.89
C PRO D 6 -12.76 -1.55 8.82
N SER D 7 -13.33 -0.41 8.42
CA SER D 7 -14.76 -0.24 8.06
C SER D 7 -14.92 -0.39 6.54
N LYS D 8 -14.47 -1.55 6.01
CA LYS D 8 -14.00 -1.72 4.62
C LYS D 8 -15.08 -1.45 3.55
N PRO D 9 -14.93 -0.41 2.70
CA PRO D 9 -15.84 -0.13 1.59
C PRO D 9 -15.47 -0.92 0.31
N LYS D 10 -14.20 -1.33 0.18
CA LYS D 10 -13.64 -2.12 -0.94
C LYS D 10 -13.22 -3.55 -0.53
N THR D 11 -14.09 -4.17 0.28
CA THR D 11 -14.10 -5.60 0.64
C THR D 11 -12.75 -6.21 1.04
N ASN D 12 -11.99 -6.77 0.07
CA ASN D 12 -10.82 -7.66 0.23
C ASN D 12 -10.84 -8.53 1.52
N GLY C 1 13.65 -1.21 5.65
CA GLY C 1 12.92 -2.45 5.35
C GLY C 1 11.53 -2.15 4.83
N GLN C 2 11.38 -2.00 3.50
CA GLN C 2 10.17 -1.60 2.79
C GLN C 2 9.95 -2.49 1.55
N TRP C 3 9.22 -1.98 0.55
CA TRP C 3 8.88 -2.61 -0.74
C TRP C 3 10.10 -2.96 -1.61
N ASN C 4 10.50 -2.10 -2.56
CA ASN C 4 11.67 -2.32 -3.44
C ASN C 4 12.75 -1.21 -3.30
N LYS C 5 12.87 -0.62 -2.10
CA LYS C 5 14.01 0.21 -1.65
C LYS C 5 14.43 1.30 -2.68
N PRO C 6 13.44 1.99 -3.28
CA PRO C 6 13.54 2.81 -4.48
C PRO C 6 14.60 2.48 -5.56
N SER C 7 14.88 1.20 -5.80
CA SER C 7 15.56 0.68 -7.00
C SER C 7 14.51 0.30 -8.07
N LYS C 8 13.61 1.24 -8.37
CA LYS C 8 12.24 1.01 -8.89
C LYS C 8 12.21 0.24 -10.23
N PRO C 9 11.73 -1.03 -10.27
CA PRO C 9 11.72 -1.82 -11.51
C PRO C 9 10.59 -1.44 -12.48
N LYS C 10 9.42 -1.05 -11.96
CA LYS C 10 8.19 -0.79 -12.73
C LYS C 10 7.85 0.69 -12.96
N THR C 11 8.52 1.59 -12.25
CA THR C 11 8.48 3.07 -12.38
C THR C 11 7.10 3.74 -12.40
N ASN C 12 6.06 3.07 -11.87
CA ASN C 12 4.67 3.53 -11.71
C ASN C 12 4.06 4.13 -13.00
N GLY D 1 -3.58 4.89 14.48
CA GLY D 1 -4.68 5.04 13.50
C GLY D 1 -4.20 4.77 12.09
N GLN D 2 -4.98 3.99 11.33
CA GLN D 2 -4.61 3.44 10.02
C GLN D 2 -5.40 4.07 8.85
N TRP D 3 -5.76 3.28 7.83
CA TRP D 3 -6.38 3.64 6.54
C TRP D 3 -7.87 4.00 6.65
N ASN D 4 -8.79 3.12 6.24
CA ASN D 4 -10.24 3.31 6.37
C ASN D 4 -10.82 2.69 7.66
N LYS D 5 -9.98 2.50 8.69
CA LYS D 5 -10.33 1.99 10.04
C LYS D 5 -11.27 0.77 9.99
N PRO D 6 -10.95 -0.22 9.13
CA PRO D 6 -11.80 -1.34 8.72
C PRO D 6 -13.33 -1.16 8.56
N SER D 7 -13.77 0.04 8.15
CA SER D 7 -15.05 0.26 7.44
C SER D 7 -14.87 -0.06 5.94
N LYS D 8 -14.46 -1.30 5.63
CA LYS D 8 -13.87 -1.73 4.35
C LYS D 8 -14.85 -1.54 3.15
N PRO D 9 -14.54 -0.68 2.15
CA PRO D 9 -15.48 -0.36 1.06
C PRO D 9 -15.75 -1.50 0.06
N LYS D 10 -14.70 -2.23 -0.34
CA LYS D 10 -14.74 -3.32 -1.35
C LYS D 10 -13.97 -4.58 -0.94
N THR D 11 -13.76 -4.79 0.37
CA THR D 11 -12.71 -5.64 0.95
C THR D 11 -11.30 -5.23 0.47
N ASN D 12 -10.78 -4.16 1.08
CA ASN D 12 -9.41 -3.64 0.88
C ASN D 12 -8.31 -4.56 1.43
N GLY C 1 14.90 -0.19 4.44
CA GLY C 1 14.28 -1.53 4.43
C GLY C 1 12.76 -1.45 4.30
N GLN C 2 12.25 -1.30 3.08
CA GLN C 2 10.85 -1.01 2.78
C GLN C 2 10.31 -1.94 1.66
N TRP C 3 9.52 -1.42 0.72
CA TRP C 3 8.85 -2.11 -0.41
C TRP C 3 9.84 -2.61 -1.47
N ASN C 4 10.10 -1.82 -2.53
CA ASN C 4 11.11 -2.13 -3.57
C ASN C 4 12.35 -1.22 -3.48
N LYS C 5 12.71 -0.78 -2.26
CA LYS C 5 13.98 -0.11 -1.90
C LYS C 5 14.35 1.05 -2.86
N PRO C 6 13.36 1.91 -3.19
CA PRO C 6 13.36 2.89 -4.27
C PRO C 6 14.21 2.62 -5.54
N SER C 7 14.27 1.35 -5.95
CA SER C 7 14.88 0.85 -7.20
C SER C 7 13.79 0.41 -8.18
N LYS C 8 12.80 1.31 -8.38
CA LYS C 8 11.42 1.04 -8.83
C LYS C 8 11.36 0.29 -10.18
N PRO C 9 11.02 -1.02 -10.21
CA PRO C 9 11.06 -1.83 -11.43
C PRO C 9 9.84 -1.62 -12.33
N LYS C 10 8.68 -1.28 -11.73
CA LYS C 10 7.42 -0.96 -12.41
C LYS C 10 7.27 0.51 -12.83
N THR C 11 8.21 1.36 -12.41
CA THR C 11 8.42 2.82 -12.66
C THR C 11 7.25 3.79 -12.36
N ASN C 12 6.00 3.41 -12.68
CA ASN C 12 4.76 4.18 -12.52
C ASN C 12 4.84 5.67 -12.98
N GLY D 1 -4.16 5.30 13.60
CA GLY D 1 -3.84 6.32 12.57
C GLY D 1 -3.34 5.67 11.29
N GLN D 2 -4.28 5.16 10.46
CA GLN D 2 -4.02 4.33 9.29
C GLN D 2 -4.98 4.67 8.14
N TRP D 3 -5.15 3.74 7.20
CA TRP D 3 -6.26 3.62 6.23
C TRP D 3 -7.66 3.65 6.89
N ASN D 4 -8.71 3.25 6.17
CA ASN D 4 -10.13 3.35 6.56
C ASN D 4 -10.60 2.40 7.72
N LYS D 5 -9.77 2.18 8.75
CA LYS D 5 -10.12 1.58 10.05
C LYS D 5 -10.97 0.28 9.94
N PRO D 6 -10.44 -0.74 9.25
CA PRO D 6 -11.14 -1.92 8.71
C PRO D 6 -12.61 -1.83 8.21
N SER D 7 -13.15 -0.65 7.89
CA SER D 7 -14.45 -0.46 7.23
C SER D 7 -14.32 -0.58 5.70
N LYS D 8 -13.78 -1.71 5.22
CA LYS D 8 -13.37 -1.97 3.82
C LYS D 8 -14.52 -1.67 2.83
N PRO D 9 -14.45 -0.62 1.99
CA PRO D 9 -15.61 -0.16 1.20
C PRO D 9 -16.11 -1.14 0.13
N LYS D 10 -15.25 -2.05 -0.35
CA LYS D 10 -15.58 -3.14 -1.29
C LYS D 10 -15.13 -4.55 -0.82
N THR D 11 -14.83 -4.70 0.47
CA THR D 11 -14.35 -5.91 1.19
C THR D 11 -13.11 -6.67 0.65
N ASN D 12 -12.63 -6.36 -0.57
CA ASN D 12 -11.57 -7.06 -1.32
C ASN D 12 -11.86 -8.57 -1.51
#